data_6T3X
#
_entry.id   6T3X
#
_cell.length_a   37.270
_cell.length_b   82.570
_cell.length_c   63.660
_cell.angle_alpha   90.000
_cell.angle_beta   95.097
_cell.angle_gamma   90.000
#
_symmetry.space_group_name_H-M   'P 1 21 1'
#
loop_
_entity.id
_entity.type
_entity.pdbx_description
1 polymer 'Nuclear egress protein 2,Nuclear egress protein 1'
2 water water
#
_entity_poly.entity_id   1
_entity_poly.type   'polypeptide(L)'
_entity_poly.pdbx_seq_one_letter_code
;GSHMASMEMNKVLHQDLVQATRRILKLGPSELRVTDAGLICKNPNYSVCDAMLKTDTVYCVEYLLSYWESRTDHVPCFIF
KNTGCAVSLCCFVRAPVKLVSPARHVGEFNVLKVNESLIVTLKDIEEIKPSAYGVLTKCVVRKSNSASVFNIELIAFGPE
NEGEYENLLRELYAKKAGGSGSGGSLTLHDLHDIFREHPELELKYLNMMKMAIT
;
_entity_poly.pdbx_strand_id   A,C
#
# COMPACT_ATOMS: atom_id res chain seq x y z
N GLY A 1 -14.10 -9.73 0.86
CA GLY A 1 -15.08 -9.51 -0.26
C GLY A 1 -16.29 -10.40 -0.16
N SER A 2 -16.30 -11.24 0.87
CA SER A 2 -17.42 -12.14 1.14
C SER A 2 -17.30 -12.63 2.57
N HIS A 3 -18.37 -13.26 3.07
CA HIS A 3 -18.38 -13.71 4.45
C HIS A 3 -17.37 -14.82 4.70
N MET A 4 -16.98 -15.54 3.66
CA MET A 4 -16.07 -16.67 3.74
CA MET A 4 -16.07 -16.67 3.79
C MET A 4 -14.62 -16.28 3.50
N ALA A 5 -14.34 -14.99 3.28
CA ALA A 5 -12.99 -14.54 3.00
C ALA A 5 -12.10 -14.78 4.22
N SER A 6 -10.84 -15.08 3.96
CA SER A 6 -9.95 -15.42 5.07
C SER A 6 -9.61 -14.18 5.89
N MET A 7 -9.43 -14.41 7.18
CA MET A 7 -9.02 -13.34 8.09
CA MET A 7 -9.02 -13.34 8.10
C MET A 7 -7.73 -12.68 7.61
N GLU A 8 -6.77 -13.48 7.16
CA GLU A 8 -5.48 -12.93 6.74
C GLU A 8 -5.63 -12.00 5.54
N MET A 9 -6.35 -12.42 4.51
CA MET A 9 -6.53 -11.57 3.35
C MET A 9 -7.35 -10.33 3.69
N ASN A 10 -8.35 -10.49 4.56
CA ASN A 10 -9.17 -9.36 5.00
C ASN A 10 -8.32 -8.31 5.71
N LYS A 11 -7.34 -8.76 6.50
CA LYS A 11 -6.53 -7.81 7.27
C LYS A 11 -5.66 -6.98 6.34
N VAL A 12 -5.08 -7.60 5.31
CA VAL A 12 -4.33 -6.86 4.31
C VAL A 12 -5.23 -5.87 3.58
N LEU A 13 -6.43 -6.29 3.19
CA LEU A 13 -7.34 -5.38 2.50
C LEU A 13 -7.71 -4.20 3.39
N HIS A 14 -8.07 -4.49 4.64
CA HIS A 14 -8.44 -3.44 5.59
C HIS A 14 -7.31 -2.43 5.75
N GLN A 15 -6.07 -2.92 5.93
CA GLN A 15 -4.95 -1.99 6.08
C GLN A 15 -4.75 -1.17 4.82
N ASP A 16 -4.92 -1.79 3.65
CA ASP A 16 -4.78 -1.07 2.39
C ASP A 16 -5.79 0.06 2.28
N LEU A 17 -7.08 -0.24 2.56
CA LEU A 17 -8.12 0.77 2.40
C LEU A 17 -7.93 1.91 3.39
N VAL A 18 -7.57 1.59 4.64
CA VAL A 18 -7.37 2.63 5.65
C VAL A 18 -6.21 3.53 5.26
N GLN A 19 -5.07 2.94 4.89
CA GLN A 19 -3.92 3.74 4.49
C GLN A 19 -4.22 4.59 3.27
N ALA A 20 -4.93 4.03 2.29
CA ALA A 20 -5.23 4.79 1.08
C ALA A 20 -6.18 5.93 1.37
N THR A 21 -7.14 5.72 2.27
CA THR A 21 -8.07 6.79 2.62
C THR A 21 -7.33 7.94 3.27
N ARG A 22 -6.41 7.64 4.20
CA ARG A 22 -5.62 8.70 4.81
C ARG A 22 -4.82 9.46 3.75
N ARG A 23 -4.22 8.72 2.81
CA ARG A 23 -3.33 9.33 1.83
C ARG A 23 -4.12 10.17 0.82
N ILE A 24 -5.18 9.60 0.27
CA ILE A 24 -5.92 10.25 -0.81
C ILE A 24 -6.69 11.46 -0.28
N LEU A 25 -7.25 11.37 0.92
CA LEU A 25 -7.96 12.50 1.50
C LEU A 25 -7.04 13.45 2.25
N LYS A 26 -5.74 13.16 2.34
CA LYS A 26 -4.79 14.04 3.01
C LYS A 26 -5.18 14.29 4.46
N LEU A 27 -5.59 13.24 5.15
CA LEU A 27 -6.10 13.39 6.50
C LEU A 27 -4.97 13.58 7.51
N GLY A 28 -5.27 14.36 8.54
CA GLY A 28 -4.40 14.47 9.69
C GLY A 28 -4.39 13.16 10.46
N PRO A 29 -3.43 13.01 11.37
CA PRO A 29 -3.26 11.69 12.02
C PRO A 29 -4.44 11.25 12.86
N SER A 30 -5.26 12.17 13.36
CA SER A 30 -6.38 11.80 14.23
C SER A 30 -7.73 11.90 13.52
N GLU A 31 -7.75 12.05 12.20
CA GLU A 31 -8.97 12.38 11.49
C GLU A 31 -9.63 11.17 10.84
N LEU A 32 -9.21 9.95 11.17
CA LEU A 32 -9.83 8.75 10.62
C LEU A 32 -10.21 7.84 11.78
N ARG A 33 -11.50 7.54 11.90
CA ARG A 33 -11.97 6.53 12.85
C ARG A 33 -12.03 5.19 12.13
N VAL A 34 -11.41 4.17 12.72
CA VAL A 34 -11.24 2.88 12.06
C VAL A 34 -12.06 1.81 12.78
N THR A 35 -12.87 1.10 12.01
CA THR A 35 -13.62 -0.05 12.50
C THR A 35 -12.70 -1.26 12.59
N ASP A 36 -12.93 -2.10 13.61
CA ASP A 36 -12.16 -3.32 13.76
C ASP A 36 -12.15 -4.14 12.48
N ALA A 37 -10.96 -4.61 12.09
CA ALA A 37 -10.82 -5.35 10.86
C ALA A 37 -11.62 -6.65 10.85
N GLY A 38 -11.93 -7.21 12.03
CA GLY A 38 -12.69 -8.45 12.08
C GLY A 38 -14.05 -8.37 11.43
N LEU A 39 -14.58 -7.16 11.24
CA LEU A 39 -15.92 -6.98 10.70
C LEU A 39 -15.95 -6.90 9.18
N ILE A 40 -14.81 -6.74 8.53
CA ILE A 40 -14.82 -6.38 7.11
C ILE A 40 -15.40 -7.52 6.28
N CYS A 41 -16.19 -7.14 5.28
CA CYS A 41 -16.80 -8.06 4.32
C CYS A 41 -17.75 -9.07 4.96
N LYS A 42 -18.27 -8.73 6.14
CA LYS A 42 -19.38 -9.48 6.72
C LYS A 42 -20.60 -8.57 6.81
N ASN A 43 -21.02 -8.17 8.02
CA ASN A 43 -22.20 -7.33 8.15
C ASN A 43 -21.98 -6.03 7.37
N PRO A 44 -22.71 -5.80 6.29
CA PRO A 44 -22.43 -4.62 5.45
C PRO A 44 -22.89 -3.31 6.06
N ASN A 45 -23.54 -3.34 7.21
CA ASN A 45 -24.05 -2.13 7.84
C ASN A 45 -22.99 -1.39 8.64
N TYR A 46 -21.77 -1.91 8.71
CA TYR A 46 -20.67 -1.25 9.40
C TYR A 46 -19.67 -0.73 8.36
N SER A 47 -19.24 0.51 8.54
CA SER A 47 -18.20 1.06 7.68
C SER A 47 -16.85 0.47 8.04
N VAL A 48 -15.89 0.64 7.12
CA VAL A 48 -14.50 0.29 7.41
C VAL A 48 -13.82 1.41 8.17
N CYS A 49 -14.08 2.64 7.77
CA CYS A 49 -13.48 3.80 8.41
C CYS A 49 -14.31 5.03 8.08
N ASP A 50 -14.28 5.99 9.01
CA ASP A 50 -15.00 7.24 8.86
C ASP A 50 -14.00 8.39 8.92
N ALA A 51 -13.95 9.19 7.86
CA ALA A 51 -13.06 10.34 7.82
C ALA A 51 -13.76 11.57 8.39
N MET A 52 -13.10 12.24 9.34
CA MET A 52 -13.62 13.45 9.95
C MET A 52 -13.18 14.64 9.10
N LEU A 53 -14.11 15.21 8.35
CA LEU A 53 -13.75 16.23 7.37
C LEU A 53 -13.70 17.62 8.01
N LYS A 54 -12.77 18.44 7.55
CA LYS A 54 -12.73 19.85 7.88
C LYS A 54 -13.51 20.62 6.83
N THR A 55 -13.97 21.81 7.23
CA THR A 55 -14.67 22.66 6.28
C THR A 55 -13.67 23.37 5.38
N ASP A 56 -14.17 23.86 4.25
CA ASP A 56 -13.38 24.67 3.32
C ASP A 56 -12.12 23.95 2.86
N THR A 57 -12.21 22.63 2.69
CA THR A 57 -11.08 21.80 2.33
C THR A 57 -11.50 20.88 1.20
N VAL A 58 -10.69 20.83 0.15
CA VAL A 58 -10.99 19.99 -1.02
C VAL A 58 -10.66 18.54 -0.69
N TYR A 59 -11.63 17.64 -0.92
CA TYR A 59 -11.43 16.21 -0.72
C TYR A 59 -11.67 15.44 -2.01
N CYS A 60 -10.75 14.52 -2.33
CA CYS A 60 -10.75 13.81 -3.61
C CYS A 60 -11.66 12.58 -3.54
N VAL A 61 -12.96 12.85 -3.49
CA VAL A 61 -13.93 11.79 -3.22
CA VAL A 61 -13.93 11.79 -3.22
C VAL A 61 -14.07 10.84 -4.40
N GLU A 62 -14.10 11.36 -5.63
CA GLU A 62 -14.22 10.45 -6.78
C GLU A 62 -13.03 9.51 -6.84
N TYR A 63 -11.82 10.06 -6.71
CA TYR A 63 -10.62 9.22 -6.78
C TYR A 63 -10.63 8.17 -5.67
N LEU A 64 -11.08 8.55 -4.46
CA LEU A 64 -11.12 7.58 -3.37
C LEU A 64 -12.10 6.45 -3.67
N LEU A 65 -13.29 6.77 -4.15
CA LEU A 65 -14.25 5.73 -4.51
C LEU A 65 -13.65 4.79 -5.56
N SER A 66 -13.03 5.37 -6.60
CA SER A 66 -12.45 4.58 -7.67
C SER A 66 -11.32 3.69 -7.15
N TYR A 67 -10.50 4.22 -6.23
CA TYR A 67 -9.47 3.38 -5.63
C TYR A 67 -10.08 2.20 -4.88
N TRP A 68 -11.09 2.45 -4.07
CA TRP A 68 -11.71 1.36 -3.31
C TRP A 68 -12.26 0.30 -4.26
N GLU A 69 -12.96 0.73 -5.32
CA GLU A 69 -13.46 -0.23 -6.30
C GLU A 69 -12.32 -1.06 -6.88
N SER A 70 -11.16 -0.43 -7.14
CA SER A 70 -10.06 -1.16 -7.75
C SER A 70 -9.49 -2.22 -6.81
N ARG A 71 -9.57 -2.00 -5.51
CA ARG A 71 -8.96 -2.88 -4.54
CA ARG A 71 -8.96 -2.90 -4.55
C ARG A 71 -9.91 -3.96 -4.05
N THR A 72 -11.20 -3.66 -3.97
CA THR A 72 -12.16 -4.61 -3.43
C THR A 72 -12.91 -5.39 -4.50
N ASP A 73 -13.01 -4.86 -5.72
CA ASP A 73 -13.85 -5.41 -6.77
C ASP A 73 -15.34 -5.31 -6.47
N HIS A 74 -15.70 -4.52 -5.47
CA HIS A 74 -17.08 -4.20 -5.13
C HIS A 74 -17.37 -2.75 -5.42
N VAL A 75 -18.66 -2.43 -5.54
CA VAL A 75 -19.12 -1.06 -5.75
C VAL A 75 -19.12 -0.34 -4.41
N PRO A 76 -18.21 0.58 -4.18
CA PRO A 76 -18.16 1.25 -2.87
C PRO A 76 -19.33 2.20 -2.67
N CYS A 77 -19.57 2.50 -1.40
CA CYS A 77 -20.64 3.42 -1.01
C CYS A 77 -20.14 4.23 0.16
N PHE A 78 -19.99 5.53 -0.03
CA PHE A 78 -19.57 6.43 1.04
C PHE A 78 -20.76 7.27 1.48
N ILE A 79 -20.87 7.54 2.77
CA ILE A 79 -22.04 8.22 3.31
C ILE A 79 -21.58 9.38 4.16
N PHE A 80 -22.02 10.59 3.82
CA PHE A 80 -21.76 11.75 4.64
C PHE A 80 -22.75 11.77 5.80
N LYS A 81 -22.25 12.02 7.00
CA LYS A 81 -23.07 12.15 8.19
C LYS A 81 -22.66 13.40 8.95
N ASN A 82 -23.67 14.10 9.49
CA ASN A 82 -23.48 15.31 10.27
C ASN A 82 -23.71 14.92 11.71
N THR A 83 -22.64 14.91 12.51
CA THR A 83 -22.71 14.48 13.90
C THR A 83 -22.98 15.64 14.84
N GLY A 84 -23.31 16.82 14.31
CA GLY A 84 -23.68 17.95 15.11
C GLY A 84 -22.79 19.16 14.91
N CYS A 85 -21.48 18.96 14.95
CA CYS A 85 -20.55 20.05 14.67
C CYS A 85 -19.43 19.60 13.74
N ALA A 86 -19.64 18.53 12.97
CA ALA A 86 -18.65 18.03 12.03
C ALA A 86 -19.33 17.07 11.08
N VAL A 87 -18.81 16.98 9.87
CA VAL A 87 -19.25 16.01 8.87
C VAL A 87 -18.23 14.88 8.83
N SER A 88 -18.72 13.64 8.84
CA SER A 88 -17.88 12.49 8.61
CA SER A 88 -17.89 12.47 8.61
C SER A 88 -18.26 11.84 7.28
N LEU A 89 -17.26 11.30 6.60
CA LEU A 89 -17.45 10.52 5.38
C LEU A 89 -17.23 9.07 5.78
N CYS A 90 -18.32 8.31 5.84
CA CYS A 90 -18.29 6.94 6.34
C CYS A 90 -18.15 6.02 5.14
N CYS A 91 -17.09 5.21 5.12
CA CYS A 91 -16.65 4.54 3.91
C CYS A 91 -16.96 3.05 4.02
N PHE A 92 -17.82 2.56 3.13
CA PHE A 92 -18.32 1.19 3.14
C PHE A 92 -17.82 0.46 1.89
N VAL A 93 -17.46 -0.81 2.05
CA VAL A 93 -17.02 -1.64 0.93
C VAL A 93 -18.16 -1.84 -0.07
N ARG A 94 -19.37 -2.02 0.44
CA ARG A 94 -20.58 -2.18 -0.34
C ARG A 94 -21.65 -1.36 0.34
N ALA A 95 -22.71 -1.03 -0.39
CA ALA A 95 -23.80 -0.26 0.21
C ALA A 95 -24.36 -1.00 1.44
N PRO A 96 -24.57 -0.30 2.55
CA PRO A 96 -25.30 -0.92 3.67
C PRO A 96 -26.74 -1.20 3.25
N VAL A 97 -27.38 -2.11 3.98
CA VAL A 97 -28.76 -2.49 3.69
C VAL A 97 -29.75 -1.99 4.73
N LYS A 98 -29.26 -1.45 5.85
CA LYS A 98 -30.11 -0.81 6.84
C LYS A 98 -29.30 0.35 7.40
N LEU A 99 -29.85 1.56 7.33
CA LEU A 99 -29.18 2.75 7.84
C LEU A 99 -29.94 3.29 9.05
N VAL A 100 -29.20 3.97 9.93
CA VAL A 100 -29.80 4.56 11.13
C VAL A 100 -30.63 5.78 10.76
N SER A 101 -30.28 6.47 9.69
CA SER A 101 -30.95 7.69 9.27
C SER A 101 -31.52 7.52 7.88
N PRO A 102 -32.57 8.29 7.55
CA PRO A 102 -33.07 8.28 6.16
C PRO A 102 -32.04 8.82 5.19
N ALA A 103 -32.00 8.22 4.00
CA ALA A 103 -30.90 8.37 3.07
C ALA A 103 -31.36 8.93 1.74
N ARG A 104 -30.44 9.62 1.06
CA ARG A 104 -30.61 10.10 -0.30
C ARG A 104 -29.23 10.24 -0.92
N HIS A 105 -29.20 10.40 -2.23
CA HIS A 105 -27.93 10.49 -2.96
C HIS A 105 -27.58 11.93 -3.30
N VAL A 106 -26.27 12.18 -3.41
CA VAL A 106 -25.79 13.55 -3.59
C VAL A 106 -26.18 14.09 -4.95
N GLY A 107 -26.35 15.42 -5.00
CA GLY A 107 -26.21 16.19 -6.21
C GLY A 107 -25.03 17.13 -6.13
N GLU A 108 -25.05 18.15 -6.98
CA GLU A 108 -23.95 19.11 -7.00
C GLU A 108 -23.90 19.93 -5.72
N PHE A 109 -25.05 20.35 -5.21
CA PHE A 109 -25.15 21.07 -3.95
C PHE A 109 -26.10 20.32 -3.02
N ASN A 110 -25.72 20.21 -1.75
CA ASN A 110 -26.50 19.45 -0.79
C ASN A 110 -26.49 20.15 0.56
N VAL A 111 -27.62 20.05 1.28
CA VAL A 111 -27.74 20.56 2.64
C VAL A 111 -27.87 19.35 3.55
N LEU A 112 -26.95 19.21 4.51
CA LEU A 112 -26.88 18.00 5.33
C LEU A 112 -27.26 18.32 6.77
N LYS A 113 -28.40 17.81 7.19
CA LYS A 113 -28.88 17.95 8.56
C LYS A 113 -28.41 16.77 9.40
N VAL A 114 -28.51 16.92 10.72
CA VAL A 114 -28.19 15.80 11.60
C VAL A 114 -29.21 14.69 11.35
N ASN A 115 -28.79 13.45 11.54
CA ASN A 115 -29.70 12.32 11.35
C ASN A 115 -30.21 12.30 9.91
N GLU A 116 -29.35 12.65 8.98
CA GLU A 116 -29.56 12.39 7.56
C GLU A 116 -28.34 11.63 7.06
N SER A 117 -28.57 10.67 6.18
CA SER A 117 -27.49 10.01 5.47
C SER A 117 -27.47 10.57 4.05
N LEU A 118 -26.29 10.96 3.59
CA LEU A 118 -26.13 11.48 2.23
C LEU A 118 -25.13 10.60 1.51
N ILE A 119 -25.62 9.83 0.55
CA ILE A 119 -24.83 8.78 -0.09
C ILE A 119 -24.14 9.34 -1.33
N VAL A 120 -22.87 8.97 -1.51
CA VAL A 120 -22.16 9.24 -2.75
C VAL A 120 -21.55 7.94 -3.27
N THR A 121 -21.82 7.63 -4.53
CA THR A 121 -21.24 6.49 -5.22
C THR A 121 -20.69 6.97 -6.55
N LEU A 122 -19.92 6.10 -7.21
CA LEU A 122 -19.42 6.44 -8.54
C LEU A 122 -20.56 6.71 -9.52
N LYS A 123 -21.66 5.98 -9.38
CA LYS A 123 -22.82 6.22 -10.26
C LYS A 123 -23.33 7.65 -10.09
N ASP A 124 -23.39 8.13 -8.85
CA ASP A 124 -23.82 9.51 -8.61
C ASP A 124 -22.85 10.50 -9.25
N ILE A 125 -21.55 10.26 -9.06
CA ILE A 125 -20.54 11.18 -9.60
C ILE A 125 -20.57 11.19 -11.12
N GLU A 126 -20.74 10.01 -11.74
CA GLU A 126 -20.83 9.97 -13.20
C GLU A 126 -22.00 10.82 -13.71
N GLU A 127 -23.12 10.84 -12.98
CA GLU A 127 -24.27 11.61 -13.44
C GLU A 127 -24.02 13.11 -13.34
N ILE A 128 -23.26 13.53 -12.33
CA ILE A 128 -23.06 14.94 -12.02
C ILE A 128 -21.87 15.55 -12.76
N LYS A 129 -20.86 14.75 -13.08
CA LYS A 129 -19.60 15.33 -13.55
C LYS A 129 -19.68 15.72 -15.02
N PRO A 130 -18.85 16.68 -15.42
CA PRO A 130 -18.77 17.03 -16.85
C PRO A 130 -18.27 15.86 -17.67
N SER A 131 -18.46 15.96 -18.99
CA SER A 131 -17.97 14.92 -19.89
C SER A 131 -16.51 15.09 -20.27
N ALA A 132 -15.89 16.23 -19.93
CA ALA A 132 -14.51 16.49 -20.34
C ALA A 132 -13.57 15.42 -19.83
N TYR A 133 -12.60 15.07 -20.68
CA TYR A 133 -11.62 14.04 -20.35
C TYR A 133 -10.81 14.45 -19.12
N GLY A 134 -10.61 13.50 -18.21
CA GLY A 134 -9.62 13.64 -17.17
C GLY A 134 -10.08 14.35 -15.91
N VAL A 135 -11.34 14.80 -15.88
CA VAL A 135 -11.85 15.53 -14.72
C VAL A 135 -11.99 14.59 -13.54
N LEU A 136 -11.71 15.10 -12.35
CA LEU A 136 -11.99 14.41 -11.09
C LEU A 136 -12.92 15.25 -10.23
N THR A 137 -13.92 14.61 -9.64
CA THR A 137 -14.90 15.31 -8.80
C THR A 137 -14.42 15.32 -7.35
N LYS A 138 -14.43 16.50 -6.74
CA LYS A 138 -14.03 16.69 -5.37
C LYS A 138 -15.23 17.17 -4.57
N CYS A 139 -15.15 17.09 -3.24
CA CYS A 139 -16.19 17.63 -2.40
CA CYS A 139 -16.19 17.58 -2.35
C CYS A 139 -15.60 18.62 -1.40
N VAL A 140 -16.42 19.62 -1.05
CA VAL A 140 -16.06 20.63 -0.06
C VAL A 140 -17.26 20.78 0.88
N VAL A 141 -16.99 20.79 2.18
CA VAL A 141 -18.00 20.99 3.20
C VAL A 141 -17.94 22.45 3.62
N ARG A 142 -19.10 23.11 3.67
CA ARG A 142 -19.17 24.49 4.12
C ARG A 142 -20.07 24.60 5.35
N LYS A 143 -19.66 25.46 6.29
CA LYS A 143 -20.51 25.82 7.41
C LYS A 143 -21.79 26.47 6.89
N SER A 144 -22.93 26.03 7.40
CA SER A 144 -24.22 26.64 7.08
C SER A 144 -24.47 27.82 8.00
N ASN A 145 -25.31 28.75 7.54
CA ASN A 145 -25.79 29.81 8.42
C ASN A 145 -26.69 29.24 9.51
N SER A 146 -27.32 28.10 9.24
CA SER A 146 -28.19 27.46 10.21
C SER A 146 -27.37 26.61 11.17
N ALA A 147 -27.79 26.61 12.43
CA ALA A 147 -27.17 25.73 13.40
C ALA A 147 -27.39 24.27 13.00
N SER A 148 -26.36 23.45 13.25
CA SER A 148 -26.44 22.02 13.05
C SER A 148 -26.65 21.62 11.60
N VAL A 149 -26.26 22.47 10.66
CA VAL A 149 -26.37 22.15 9.24
C VAL A 149 -25.04 22.44 8.56
N PHE A 150 -24.67 21.58 7.60
CA PHE A 150 -23.53 21.81 6.75
C PHE A 150 -23.97 21.68 5.30
N ASN A 151 -23.32 22.44 4.41
CA ASN A 151 -23.55 22.30 2.99
C ASN A 151 -22.40 21.50 2.40
N ILE A 152 -22.70 20.66 1.42
CA ILE A 152 -21.69 19.84 0.77
C ILE A 152 -21.78 20.09 -0.72
N GLU A 153 -20.69 20.52 -1.32
CA GLU A 153 -20.67 20.77 -2.75
C GLU A 153 -19.71 19.84 -3.44
N LEU A 154 -20.12 19.38 -4.61
CA LEU A 154 -19.28 18.56 -5.47
CA LEU A 154 -19.31 18.56 -5.50
C LEU A 154 -18.80 19.43 -6.62
N ILE A 155 -17.49 19.42 -6.85
CA ILE A 155 -16.83 20.35 -7.76
C ILE A 155 -15.88 19.59 -8.67
N ALA A 156 -15.91 19.94 -9.95
CA ALA A 156 -15.00 19.34 -10.93
C ALA A 156 -13.64 20.02 -10.90
N PHE A 157 -12.60 19.18 -10.95
CA PHE A 157 -11.21 19.64 -10.88
C PHE A 157 -10.43 19.03 -12.04
N GLY A 158 -9.44 19.78 -12.51
CA GLY A 158 -8.54 19.30 -13.52
C GLY A 158 -7.11 19.64 -13.18
N PRO A 159 -6.17 19.35 -14.08
CA PRO A 159 -4.76 19.62 -13.79
C PRO A 159 -4.43 21.09 -13.82
N GLU A 160 -3.35 21.44 -13.11
CA GLU A 160 -2.89 22.82 -13.04
C GLU A 160 -2.26 23.27 -14.36
N ASN A 161 -1.48 22.40 -15.01
CA ASN A 161 -0.86 22.73 -16.30
C ASN A 161 -1.12 21.59 -17.27
N GLU A 162 -1.75 21.90 -18.41
CA GLU A 162 -2.05 20.89 -19.41
C GLU A 162 -0.79 20.14 -19.83
N GLY A 163 0.29 20.88 -20.10
CA GLY A 163 1.49 20.26 -20.62
C GLY A 163 2.12 19.28 -19.64
N GLU A 164 2.21 19.65 -18.37
CA GLU A 164 2.77 18.75 -17.37
C GLU A 164 1.88 17.53 -17.18
N TYR A 165 0.56 17.74 -17.21
CA TYR A 165 -0.38 16.61 -17.19
C TYR A 165 -0.15 15.69 -18.37
N GLU A 166 0.03 16.24 -19.56
CA GLU A 166 0.25 15.39 -20.73
C GLU A 166 1.54 14.61 -20.59
N ASN A 167 2.58 15.23 -20.02
CA ASN A 167 3.84 14.52 -19.84
C ASN A 167 3.69 13.38 -18.84
N LEU A 168 2.90 13.59 -17.79
CA LEU A 168 2.64 12.50 -16.86
C LEU A 168 1.87 11.37 -17.54
N LEU A 169 0.82 11.71 -18.29
CA LEU A 169 0.10 10.66 -19.00
C LEU A 169 1.03 9.89 -19.92
N ARG A 170 2.00 10.57 -20.54
CA ARG A 170 2.94 9.86 -21.39
C ARG A 170 3.75 8.84 -20.60
N GLU A 171 4.14 9.17 -19.37
CA GLU A 171 4.82 8.18 -18.54
C GLU A 171 3.90 7.01 -18.25
N LEU A 172 2.60 7.26 -18.12
CA LEU A 172 1.66 6.17 -17.84
C LEU A 172 1.45 5.32 -19.08
N TYR A 173 1.37 5.94 -20.26
CA TYR A 173 1.24 5.17 -21.49
C TYR A 173 2.48 4.36 -21.82
N ALA A 174 3.62 4.69 -21.21
CA ALA A 174 4.82 3.88 -21.38
C ALA A 174 4.75 2.61 -20.55
N LYS A 175 3.94 2.62 -19.49
CA LYS A 175 3.60 1.43 -18.73
C LYS A 175 2.32 0.79 -19.23
N LYS A 176 1.50 1.53 -19.95
CA LYS A 176 0.19 1.09 -20.44
C LYS A 176 -0.66 0.42 -19.37
N GLY A 179 -4.51 1.39 -23.48
CA GLY A 179 -5.55 1.84 -22.57
C GLY A 179 -6.82 1.03 -22.65
N SER A 180 -7.57 0.98 -21.55
CA SER A 180 -8.81 0.23 -21.49
CA SER A 180 -8.81 0.23 -21.50
C SER A 180 -10.02 1.06 -21.90
N GLY A 181 -9.84 2.35 -22.18
CA GLY A 181 -10.95 3.21 -22.56
C GLY A 181 -11.21 3.21 -24.05
N SER A 182 -12.18 4.03 -24.44
CA SER A 182 -12.58 4.14 -25.84
C SER A 182 -11.40 4.61 -26.69
N GLY A 183 -10.89 3.73 -27.55
CA GLY A 183 -9.80 4.07 -28.43
C GLY A 183 -8.42 3.94 -27.84
N GLY A 184 -8.26 3.12 -26.80
CA GLY A 184 -6.96 2.94 -26.19
C GLY A 184 -6.54 4.06 -25.25
N SER A 185 -7.42 5.00 -24.95
CA SER A 185 -7.08 6.05 -24.00
C SER A 185 -7.15 5.50 -22.57
N LEU A 186 -6.41 6.14 -21.69
CA LEU A 186 -6.33 5.68 -20.31
C LEU A 186 -7.61 5.97 -19.56
N THR A 187 -8.02 5.03 -18.72
CA THR A 187 -9.11 5.20 -17.78
C THR A 187 -8.54 5.32 -16.37
N LEU A 188 -9.38 5.73 -15.43
CA LEU A 188 -8.91 5.78 -14.05
C LEU A 188 -8.52 4.41 -13.53
N HIS A 189 -9.22 3.36 -13.97
CA HIS A 189 -8.81 2.02 -13.56
C HIS A 189 -7.44 1.66 -14.10
N ASP A 190 -7.10 2.11 -15.31
CA ASP A 190 -5.73 1.93 -15.77
C ASP A 190 -4.76 2.60 -14.81
N LEU A 191 -5.10 3.80 -14.35
CA LEU A 191 -4.21 4.52 -13.45
C LEU A 191 -3.97 3.73 -12.18
N HIS A 192 -5.03 3.19 -11.58
CA HIS A 192 -4.84 2.43 -10.34
C HIS A 192 -3.92 1.25 -10.57
N ASP A 193 -4.08 0.55 -11.69
CA ASP A 193 -3.24 -0.61 -11.98
CA ASP A 193 -3.24 -0.61 -11.98
C ASP A 193 -1.78 -0.20 -12.14
N ILE A 194 -1.53 0.91 -12.84
CA ILE A 194 -0.16 1.38 -13.01
C ILE A 194 0.40 1.87 -11.69
N PHE A 195 -0.40 2.63 -10.93
CA PHE A 195 0.09 3.17 -9.68
C PHE A 195 0.39 2.08 -8.66
N ARG A 196 -0.26 0.91 -8.75
CA ARG A 196 0.07 -0.18 -7.86
C ARG A 196 1.55 -0.55 -7.98
N GLU A 197 2.08 -0.46 -9.20
CA GLU A 197 3.47 -0.80 -9.47
C GLU A 197 4.39 0.41 -9.46
N HIS A 198 3.85 1.62 -9.56
CA HIS A 198 4.63 2.84 -9.67
C HIS A 198 4.01 3.90 -8.77
N PRO A 199 4.14 3.74 -7.45
CA PRO A 199 3.48 4.69 -6.53
C PRO A 199 4.03 6.10 -6.60
N GLU A 200 5.25 6.30 -7.13
CA GLU A 200 5.78 7.64 -7.27
C GLU A 200 5.00 8.45 -8.30
N LEU A 201 4.44 7.76 -9.31
CA LEU A 201 3.64 8.46 -10.30
C LEU A 201 2.28 8.85 -9.72
N GLU A 202 1.78 8.09 -8.75
CA GLU A 202 0.49 8.42 -8.16
C GLU A 202 0.56 9.74 -7.40
N LEU A 203 1.65 9.95 -6.66
CA LEU A 203 1.84 11.22 -5.97
C LEU A 203 1.91 12.37 -6.96
N LYS A 204 2.69 12.19 -8.04
CA LYS A 204 2.80 13.24 -9.03
C LYS A 204 1.45 13.56 -9.66
N TYR A 205 0.62 12.54 -9.86
CA TYR A 205 -0.70 12.74 -10.46
C TYR A 205 -1.63 13.51 -9.52
N LEU A 206 -1.81 13.00 -8.30
CA LEU A 206 -2.74 13.66 -7.39
C LEU A 206 -2.29 15.07 -7.07
N ASN A 207 -0.98 15.31 -6.99
CA ASN A 207 -0.49 16.64 -6.64
C ASN A 207 -0.91 17.69 -7.67
N MET A 208 -1.14 17.28 -8.92
CA MET A 208 -1.45 18.27 -9.95
C MET A 208 -2.95 18.47 -10.17
N MET A 209 -3.79 17.62 -9.60
CA MET A 209 -5.24 17.71 -9.83
C MET A 209 -5.87 18.67 -8.82
N LYS A 210 -5.56 19.95 -9.00
CA LYS A 210 -5.90 20.95 -7.98
C LYS A 210 -6.57 22.21 -8.54
N MET A 211 -6.93 22.23 -9.83
CA MET A 211 -7.52 23.41 -10.43
C MET A 211 -9.01 23.19 -10.65
N ALA A 212 -9.84 23.97 -9.94
CA ALA A 212 -11.27 23.92 -10.15
C ALA A 212 -11.60 24.33 -11.56
N ILE A 213 -12.55 23.61 -12.17
CA ILE A 213 -12.94 23.84 -13.56
C ILE A 213 -14.08 24.85 -13.60
N THR A 214 -14.05 25.71 -14.61
CA THR A 214 -15.10 26.70 -14.81
C THR A 214 -16.46 26.03 -14.88
N SER B 6 16.80 -11.92 -22.37
CA SER B 6 15.83 -11.19 -23.25
C SER B 6 15.28 -9.96 -22.54
N MET B 7 14.79 -9.00 -23.33
CA MET B 7 14.22 -7.78 -22.76
C MET B 7 12.96 -8.10 -21.97
N GLU B 8 12.06 -8.89 -22.56
CA GLU B 8 10.83 -9.25 -21.87
C GLU B 8 11.12 -10.04 -20.60
N MET B 9 11.99 -11.04 -20.69
CA MET B 9 12.38 -11.80 -19.51
C MET B 9 12.83 -10.87 -18.40
N ASN B 10 13.82 -10.03 -18.69
CA ASN B 10 14.33 -9.08 -17.70
C ASN B 10 13.20 -8.23 -17.13
N LYS B 11 12.40 -7.61 -18.00
CA LYS B 11 11.34 -6.73 -17.52
C LYS B 11 10.42 -7.45 -16.55
N VAL B 12 10.00 -8.67 -16.90
CA VAL B 12 9.11 -9.44 -16.02
C VAL B 12 9.78 -9.69 -14.69
N LEU B 13 11.00 -10.23 -14.71
CA LEU B 13 11.73 -10.52 -13.48
C LEU B 13 11.89 -9.26 -12.63
N HIS B 14 12.32 -8.17 -13.27
CA HIS B 14 12.42 -6.88 -12.60
C HIS B 14 11.13 -6.56 -11.83
N GLN B 15 9.99 -6.62 -12.52
CA GLN B 15 8.72 -6.27 -11.89
C GLN B 15 8.43 -7.17 -10.69
N ASP B 16 8.61 -8.47 -10.86
CA ASP B 16 8.41 -9.44 -9.79
C ASP B 16 9.21 -9.05 -8.55
N LEU B 17 10.51 -8.82 -8.73
CA LEU B 17 11.37 -8.54 -7.59
C LEU B 17 11.01 -7.21 -6.94
N VAL B 18 10.73 -6.18 -7.74
CA VAL B 18 10.37 -4.88 -7.18
C VAL B 18 9.10 -4.99 -6.34
N GLN B 19 8.05 -5.61 -6.89
CA GLN B 19 6.80 -5.69 -6.14
C GLN B 19 6.95 -6.58 -4.90
N ALA B 20 7.72 -7.67 -4.99
CA ALA B 20 7.93 -8.51 -3.82
C ALA B 20 8.68 -7.75 -2.74
N THR B 21 9.64 -6.90 -3.13
CA THR B 21 10.39 -6.11 -2.16
C THR B 21 9.47 -5.13 -1.44
N ARG B 22 8.63 -4.41 -2.20
CA ARG B 22 7.66 -3.53 -1.58
C ARG B 22 6.77 -4.30 -0.60
N ARG B 23 6.32 -5.49 -1.00
CA ARG B 23 5.37 -6.25 -0.18
C ARG B 23 6.03 -6.79 1.08
N ILE B 24 7.19 -7.43 0.92
CA ILE B 24 7.82 -8.15 2.03
C ILE B 24 8.40 -7.17 3.04
N LEU B 25 8.97 -6.06 2.57
CA LEU B 25 9.51 -5.06 3.47
C LEU B 25 8.47 -4.06 3.95
N LYS B 26 7.24 -4.15 3.44
CA LYS B 26 6.15 -3.28 3.89
C LYS B 26 6.49 -1.81 3.67
N LEU B 27 6.99 -1.50 2.47
CA LEU B 27 7.47 -0.17 2.18
C LEU B 27 6.31 0.75 1.81
N GLY B 28 6.42 2.01 2.22
CA GLY B 28 5.51 3.04 1.81
C GLY B 28 5.77 3.47 0.38
N PRO B 29 4.86 4.30 -0.14
CA PRO B 29 4.92 4.64 -1.57
C PRO B 29 6.20 5.34 -2.00
N SER B 30 6.90 6.03 -1.10
CA SER B 30 8.09 6.78 -1.46
C SER B 30 9.38 6.06 -1.11
N GLU B 31 9.30 4.85 -0.56
CA GLU B 31 10.45 4.25 0.09
C GLU B 31 11.23 3.28 -0.78
N LEU B 32 10.92 3.16 -2.06
CA LEU B 32 11.68 2.30 -2.95
C LEU B 32 12.09 3.09 -4.19
N ARG B 33 13.40 3.21 -4.39
CA ARG B 33 13.95 3.79 -5.61
C ARG B 33 14.31 2.65 -6.54
N VAL B 34 13.74 2.67 -7.75
CA VAL B 34 13.89 1.59 -8.71
C VAL B 34 14.81 2.02 -9.83
N THR B 35 15.86 1.23 -10.06
CA THR B 35 16.74 1.40 -11.21
C THR B 35 16.08 0.77 -12.43
N ASP B 36 15.96 1.54 -13.51
CA ASP B 36 15.16 1.11 -14.65
C ASP B 36 15.82 -0.06 -15.37
N ALA B 37 15.00 -1.05 -15.75
CA ALA B 37 15.48 -2.20 -16.51
C ALA B 37 15.97 -1.77 -17.88
N ASN B 43 24.62 -3.63 -16.76
CA ASN B 43 25.70 -3.20 -15.87
C ASN B 43 25.49 -3.82 -14.50
N PRO B 44 26.35 -4.78 -14.14
CA PRO B 44 26.12 -5.52 -12.88
C PRO B 44 26.42 -4.72 -11.63
N ASN B 45 26.98 -3.53 -11.74
CA ASN B 45 27.27 -2.70 -10.59
C ASN B 45 26.10 -1.82 -10.18
N TYR B 46 24.95 -1.97 -10.84
CA TYR B 46 23.76 -1.21 -10.51
C TYR B 46 22.75 -2.12 -9.84
N SER B 47 22.17 -1.64 -8.75
CA SER B 47 21.14 -2.39 -8.05
C SER B 47 19.85 -2.40 -8.85
N VAL B 48 18.98 -3.34 -8.52
CA VAL B 48 17.64 -3.34 -9.08
C VAL B 48 16.80 -2.24 -8.44
N CYS B 49 16.90 -2.13 -7.11
CA CYS B 49 16.11 -1.16 -6.36
C CYS B 49 16.77 -0.96 -5.01
N ASP B 50 16.59 0.22 -4.45
CA ASP B 50 17.15 0.60 -3.16
C ASP B 50 16.00 0.95 -2.24
N ALA B 51 15.91 0.26 -1.10
CA ALA B 51 14.86 0.48 -0.13
C ALA B 51 15.36 1.47 0.92
N MET B 52 14.58 2.53 1.14
CA MET B 52 14.93 3.55 2.14
C MET B 52 14.34 3.11 3.47
N LEU B 53 15.18 2.62 4.36
CA LEU B 53 14.70 2.01 5.59
C LEU B 53 14.42 3.06 6.65
N LYS B 54 13.40 2.80 7.46
CA LYS B 54 13.14 3.59 8.65
C LYS B 54 13.90 2.99 9.82
N THR B 55 14.18 3.82 10.81
CA THR B 55 14.77 3.32 12.05
C THR B 55 13.69 2.66 12.90
N ASP B 56 14.12 1.76 13.79
CA ASP B 56 13.23 1.14 14.76
C ASP B 56 12.04 0.46 14.10
N THR B 57 12.28 -0.17 12.95
CA THR B 57 11.25 -0.84 12.18
C THR B 57 11.79 -2.21 11.77
N VAL B 58 11.00 -3.26 11.99
CA VAL B 58 11.43 -4.61 11.67
C VAL B 58 11.31 -4.83 10.16
N TYR B 59 12.38 -5.35 9.56
CA TYR B 59 12.42 -5.65 8.13
C TYR B 59 12.75 -7.13 7.92
N CYS B 60 11.96 -7.79 7.09
CA CYS B 60 12.09 -9.24 6.86
C CYS B 60 13.14 -9.51 5.78
N VAL B 61 14.40 -9.26 6.15
CA VAL B 61 15.46 -9.29 5.15
C VAL B 61 15.81 -10.71 4.74
N GLU B 62 15.85 -11.65 5.68
CA GLU B 62 16.13 -13.03 5.31
C GLU B 62 15.07 -13.56 4.35
N TYR B 63 13.81 -13.34 4.69
CA TYR B 63 12.73 -13.78 3.82
C TYR B 63 12.84 -13.17 2.43
N LEU B 64 13.19 -11.88 2.36
CA LEU B 64 13.33 -11.24 1.05
C LEU B 64 14.48 -11.84 0.27
N LEU B 65 15.63 -12.02 0.91
CA LEU B 65 16.77 -12.65 0.24
C LEU B 65 16.37 -14.03 -0.28
N SER B 66 15.65 -14.80 0.54
CA SER B 66 15.22 -16.13 0.12
C SER B 66 14.29 -16.03 -1.08
N TYR B 67 13.36 -15.08 -1.07
CA TYR B 67 12.47 -14.93 -2.21
C TYR B 67 13.24 -14.60 -3.47
N TRP B 68 14.14 -13.62 -3.41
CA TRP B 68 14.90 -13.23 -4.59
C TRP B 68 15.64 -14.43 -5.17
N GLU B 69 16.26 -15.25 -4.31
CA GLU B 69 17.01 -16.40 -4.78
C GLU B 69 16.12 -17.40 -5.50
N SER B 70 14.87 -17.56 -5.03
CA SER B 70 13.96 -18.49 -5.67
C SER B 70 13.56 -18.06 -7.06
N ARG B 71 13.76 -16.78 -7.40
CA ARG B 71 13.35 -16.27 -8.70
C ARG B 71 14.51 -16.08 -9.67
N THR B 72 15.75 -16.09 -9.20
CA THR B 72 16.90 -15.76 -10.03
C THR B 72 17.85 -16.94 -10.13
N ASP B 73 18.78 -16.84 -11.08
CA ASP B 73 19.77 -17.88 -11.30
C ASP B 73 21.01 -17.72 -10.44
N HIS B 74 21.20 -16.57 -9.81
CA HIS B 74 22.39 -16.29 -9.04
C HIS B 74 22.03 -16.01 -7.59
N VAL B 75 23.05 -15.70 -6.79
CA VAL B 75 22.90 -15.42 -5.38
C VAL B 75 22.65 -13.92 -5.22
N PRO B 76 21.52 -13.49 -4.67
CA PRO B 76 21.29 -12.05 -4.49
C PRO B 76 22.24 -11.45 -3.46
N CYS B 77 22.41 -10.15 -3.57
CA CYS B 77 23.34 -9.40 -2.73
C CYS B 77 22.66 -8.08 -2.35
N PHE B 78 22.34 -7.92 -1.07
CA PHE B 78 21.77 -6.69 -0.55
C PHE B 78 22.85 -5.94 0.22
N ILE B 79 22.94 -4.63 0.01
CA ILE B 79 23.99 -3.81 0.62
C ILE B 79 23.35 -2.70 1.44
N PHE B 80 23.59 -2.73 2.76
CA PHE B 80 23.17 -1.61 3.59
C PHE B 80 24.19 -0.50 3.41
N LYS B 81 23.73 0.72 3.15
CA LYS B 81 24.61 1.86 2.98
C LYS B 81 24.14 3.00 3.85
N ASN B 82 25.06 3.61 4.60
CA ASN B 82 24.75 4.79 5.40
C ASN B 82 24.80 5.98 4.47
N THR B 83 23.63 6.42 4.00
CA THR B 83 23.58 7.47 2.99
C THR B 83 23.84 8.86 3.57
N GLY B 84 24.07 8.96 4.89
CA GLY B 84 24.34 10.22 5.55
C GLY B 84 23.32 10.59 6.61
N CYS B 85 22.06 10.22 6.38
CA CYS B 85 20.99 10.50 7.34
C CYS B 85 20.06 9.32 7.52
N ALA B 86 20.40 8.15 6.97
CA ALA B 86 19.56 6.97 7.08
C ALA B 86 20.30 5.80 6.41
N VAL B 87 19.65 4.64 6.38
CA VAL B 87 20.23 3.43 5.83
C VAL B 87 19.38 3.00 4.65
N SER B 88 20.02 2.79 3.50
CA SER B 88 19.39 2.18 2.35
C SER B 88 19.80 0.71 2.29
N LEU B 89 18.89 -0.12 1.79
CA LEU B 89 19.18 -1.52 1.48
C LEU B 89 19.16 -1.60 -0.04
N CYS B 90 20.36 -1.65 -0.63
CA CYS B 90 20.49 -1.69 -2.09
C CYS B 90 20.48 -3.15 -2.53
N CYS B 91 19.54 -3.50 -3.40
CA CYS B 91 19.21 -4.88 -3.70
C CYS B 91 19.71 -5.25 -5.10
N PHE B 92 20.65 -6.19 -5.15
CA PHE B 92 21.30 -6.63 -6.39
C PHE B 92 20.90 -8.08 -6.68
N VAL B 93 20.65 -8.38 -7.95
CA VAL B 93 20.41 -9.77 -8.35
C VAL B 93 21.68 -10.59 -8.17
N ARG B 94 22.84 -9.97 -8.34
CA ARG B 94 24.13 -10.61 -8.13
C ARG B 94 25.05 -9.60 -7.47
N ALA B 95 26.04 -10.10 -6.72
CA ALA B 95 27.00 -9.21 -6.11
C ALA B 95 27.64 -8.34 -7.20
N PRO B 96 27.67 -7.01 -7.03
CA PRO B 96 28.36 -6.16 -8.01
C PRO B 96 29.85 -6.41 -7.98
N VAL B 97 30.55 -5.82 -8.96
CA VAL B 97 32.01 -5.87 -8.98
C VAL B 97 32.63 -4.69 -8.24
N LYS B 98 31.83 -3.73 -7.80
CA LYS B 98 32.32 -2.54 -7.10
C LYS B 98 33.25 -2.86 -5.94
N PRO B 102 35.33 -0.85 0.62
CA PRO B 102 35.56 -1.69 1.80
C PRO B 102 34.33 -2.51 2.17
N ALA B 103 34.44 -3.83 2.03
CA ALA B 103 33.32 -4.74 2.23
C ALA B 103 33.63 -5.72 3.34
N ARG B 104 32.65 -5.93 4.22
CA ARG B 104 32.71 -6.96 5.26
C ARG B 104 31.38 -7.69 5.28
N HIS B 105 31.18 -8.59 6.23
CA HIS B 105 29.96 -9.39 6.29
C HIS B 105 29.32 -9.25 7.67
N VAL B 106 27.99 -9.36 7.67
CA VAL B 106 27.21 -8.94 8.83
C VAL B 106 27.54 -9.78 10.05
N GLY B 107 27.36 -9.17 11.22
CA GLY B 107 27.31 -9.89 12.47
C GLY B 107 25.95 -9.67 13.09
N GLU B 108 25.75 -10.09 14.34
CA GLU B 108 24.49 -9.80 15.02
C GLU B 108 24.27 -8.30 15.15
N PHE B 109 25.35 -7.54 15.35
CA PHE B 109 25.30 -6.10 15.46
C PHE B 109 26.35 -5.51 14.54
N ASN B 110 26.03 -4.38 13.91
CA ASN B 110 26.90 -3.81 12.88
C ASN B 110 26.83 -2.29 12.92
N VAL B 111 27.97 -1.65 13.14
CA VAL B 111 28.05 -0.19 13.14
C VAL B 111 28.30 0.28 11.71
N LEU B 112 27.46 1.19 11.24
CA LEU B 112 27.57 1.75 9.89
C LEU B 112 27.77 3.25 10.01
N LYS B 113 28.99 3.70 9.76
CA LYS B 113 29.37 5.11 9.87
C LYS B 113 29.22 5.81 8.52
N VAL B 114 29.43 7.13 8.53
CA VAL B 114 29.21 7.92 7.32
C VAL B 114 30.02 7.35 6.18
N ASN B 115 29.32 7.07 5.06
CA ASN B 115 29.93 6.60 3.83
C ASN B 115 30.42 5.16 3.91
N GLU B 116 29.96 4.39 4.89
CA GLU B 116 30.27 2.97 4.97
C GLU B 116 29.08 2.16 4.48
N SER B 117 29.36 0.90 4.12
CA SER B 117 28.37 -0.02 3.60
C SER B 117 28.60 -1.39 4.22
N LEU B 118 27.60 -2.27 4.06
CA LEU B 118 27.64 -3.59 4.67
C LEU B 118 26.90 -4.57 3.77
N ILE B 119 27.63 -5.57 3.28
CA ILE B 119 27.12 -6.56 2.34
C ILE B 119 26.41 -7.65 3.12
N VAL B 120 25.21 -8.03 2.66
CA VAL B 120 24.49 -9.14 3.28
C VAL B 120 24.00 -10.08 2.20
N THR B 121 24.31 -11.36 2.34
CA THR B 121 23.76 -12.42 1.53
C THR B 121 23.01 -13.38 2.44
N LEU B 122 22.17 -14.21 1.83
CA LEU B 122 21.42 -15.18 2.61
C LEU B 122 22.35 -16.11 3.38
N LYS B 123 23.47 -16.52 2.76
CA LYS B 123 24.44 -17.35 3.47
C LYS B 123 24.99 -16.62 4.69
N ASP B 124 25.29 -15.33 4.56
CA ASP B 124 25.77 -14.57 5.71
C ASP B 124 24.76 -14.63 6.85
N ILE B 125 23.49 -14.41 6.53
CA ILE B 125 22.45 -14.48 7.56
C ILE B 125 22.38 -15.88 8.15
N GLU B 126 22.46 -16.91 7.29
CA GLU B 126 22.42 -18.28 7.78
C GLU B 126 23.59 -18.55 8.72
N GLU B 127 24.75 -17.94 8.47
CA GLU B 127 25.90 -18.19 9.34
C GLU B 127 25.65 -17.70 10.76
N ILE B 128 24.81 -16.69 10.93
CA ILE B 128 24.69 -15.96 12.18
C ILE B 128 23.46 -16.41 12.96
N LYS B 129 22.44 -16.87 12.26
CA LYS B 129 21.21 -17.23 12.92
C LYS B 129 21.40 -18.52 13.73
N PRO B 130 20.57 -18.72 14.75
CA PRO B 130 20.57 -20.01 15.45
C PRO B 130 19.76 -21.04 14.68
N SER B 131 19.89 -22.29 15.10
CA SER B 131 19.14 -23.39 14.49
C SER B 131 17.83 -23.62 15.22
N GLY B 134 13.01 -23.69 12.45
CA GLY B 134 12.05 -22.73 11.91
C GLY B 134 12.20 -21.34 12.51
N VAL B 135 13.23 -20.62 12.07
CA VAL B 135 13.54 -19.29 12.55
C VAL B 135 13.74 -18.38 11.36
N LEU B 136 13.29 -17.13 11.48
CA LEU B 136 13.44 -16.14 10.41
C LEU B 136 14.12 -14.91 10.96
N THR B 137 15.18 -14.46 10.28
CA THR B 137 15.98 -13.33 10.74
C THR B 137 15.45 -12.02 10.16
N LYS B 138 15.28 -11.03 11.02
CA LYS B 138 14.87 -9.70 10.62
C LYS B 138 15.99 -8.72 10.97
N CYS B 139 15.93 -7.52 10.41
CA CYS B 139 16.91 -6.50 10.73
CA CYS B 139 16.91 -6.48 10.65
C CYS B 139 16.20 -5.24 11.17
N VAL B 140 16.86 -4.54 12.11
CA VAL B 140 16.36 -3.29 12.64
C VAL B 140 17.50 -2.27 12.58
N VAL B 141 17.21 -1.09 12.08
CA VAL B 141 18.18 0.00 12.01
C VAL B 141 18.01 0.87 13.25
N ARG B 142 19.08 1.04 14.01
CA ARG B 142 19.07 1.83 15.22
C ARG B 142 19.89 3.09 15.01
N LYS B 143 19.34 4.22 15.44
CA LYS B 143 20.02 5.52 15.35
C LYS B 143 21.00 5.65 16.51
N SER B 144 22.27 5.85 16.19
CA SER B 144 23.31 5.95 17.20
C SER B 144 23.37 7.36 17.78
N ASN B 145 23.91 7.46 19.00
CA ASN B 145 24.15 8.76 19.60
C ASN B 145 25.27 9.51 18.89
N SER B 146 26.03 8.86 18.01
CA SER B 146 27.07 9.53 17.23
C SER B 146 26.46 10.10 15.97
N ALA B 147 26.90 11.31 15.59
CA ALA B 147 26.30 12.01 14.47
C ALA B 147 26.45 11.22 13.18
N SER B 148 25.31 10.86 12.59
CA SER B 148 25.27 10.21 11.27
C SER B 148 25.77 8.77 11.31
N VAL B 149 25.69 8.12 12.47
CA VAL B 149 26.05 6.72 12.62
C VAL B 149 24.76 5.92 12.84
N PHE B 150 24.66 4.78 12.19
CA PHE B 150 23.54 3.87 12.38
C PHE B 150 24.07 2.47 12.68
N ASN B 151 23.35 1.77 13.56
CA ASN B 151 23.64 0.39 13.88
C ASN B 151 22.58 -0.49 13.26
N ILE B 152 22.98 -1.65 12.77
CA ILE B 152 22.08 -2.60 12.13
C ILE B 152 22.18 -3.91 12.90
N GLU B 153 21.07 -4.34 13.46
CA GLU B 153 21.04 -5.57 14.23
C GLU B 153 20.17 -6.62 13.54
N LEU B 154 20.68 -7.85 13.53
CA LEU B 154 19.95 -9.01 13.06
C LEU B 154 19.29 -9.67 14.26
N ILE B 155 17.97 -9.82 14.20
CA ILE B 155 17.18 -10.36 15.31
C ILE B 155 16.45 -11.59 14.80
N ALA B 156 16.50 -12.67 15.58
CA ALA B 156 15.86 -13.92 15.20
C ALA B 156 14.42 -13.95 15.68
N PHE B 157 13.51 -14.27 14.77
CA PHE B 157 12.09 -14.40 15.07
C PHE B 157 11.64 -15.82 14.76
N GLY B 158 10.63 -16.28 15.51
CA GLY B 158 10.15 -17.62 15.33
C GLY B 158 8.68 -17.78 15.68
N PRO B 159 8.16 -18.99 15.50
CA PRO B 159 6.76 -19.25 15.83
C PRO B 159 6.53 -19.15 17.33
N GLU B 160 5.39 -18.58 17.72
CA GLU B 160 5.04 -18.49 19.13
C GLU B 160 4.91 -19.87 19.75
N ASN B 161 4.37 -20.82 19.00
CA ASN B 161 4.21 -22.19 19.48
C ASN B 161 4.55 -23.19 18.38
N GLU B 162 5.26 -24.25 18.75
CA GLU B 162 5.71 -25.23 17.77
C GLU B 162 4.55 -25.97 17.13
N GLY B 163 3.44 -26.15 17.87
CA GLY B 163 2.33 -26.90 17.33
C GLY B 163 1.75 -26.28 16.07
N GLU B 164 1.53 -24.96 16.11
CA GLU B 164 0.92 -24.32 14.95
C GLU B 164 1.87 -24.31 13.76
N TYR B 165 3.17 -24.11 14.03
CA TYR B 165 4.15 -24.14 12.94
C TYR B 165 4.20 -25.51 12.28
N GLU B 166 4.11 -26.58 13.08
CA GLU B 166 4.04 -27.91 12.50
C GLU B 166 2.74 -28.08 11.72
N ASN B 167 1.61 -27.61 12.27
CA ASN B 167 0.35 -27.72 11.54
C ASN B 167 0.40 -26.92 10.23
N LEU B 168 1.11 -25.79 10.22
CA LEU B 168 1.24 -25.02 8.99
C LEU B 168 2.10 -25.75 7.96
N LEU B 169 3.24 -26.30 8.41
CA LEU B 169 4.03 -27.15 7.54
C LEU B 169 3.18 -28.27 6.95
N ARG B 170 2.30 -28.87 7.76
CA ARG B 170 1.38 -29.87 7.24
C ARG B 170 0.50 -29.29 6.14
N GLU B 171 -0.04 -28.09 6.36
CA GLU B 171 -0.78 -27.43 5.30
C GLU B 171 0.09 -27.22 4.06
N LEU B 172 1.38 -27.00 4.26
CA LEU B 172 2.29 -26.79 3.13
C LEU B 172 2.67 -28.10 2.48
N TYR B 173 3.00 -29.13 3.27
CA TYR B 173 3.30 -30.43 2.69
C TYR B 173 2.12 -30.98 1.90
N ALA B 174 0.90 -30.51 2.19
CA ALA B 174 -0.26 -30.97 1.45
C ALA B 174 -0.22 -30.51 0.00
N LYS B 175 0.47 -29.40 -0.27
CA LYS B 175 0.43 -28.79 -1.60
C LYS B 175 1.52 -29.31 -2.53
N LYS B 176 2.66 -29.73 -1.99
CA LYS B 176 3.75 -30.24 -2.82
C LYS B 176 4.11 -31.67 -2.45
N GLY B 184 12.31 -34.75 -1.32
CA GLY B 184 11.66 -35.42 -0.21
C GLY B 184 11.37 -34.51 0.95
N SER B 185 12.07 -33.38 1.01
CA SER B 185 11.89 -32.40 2.07
C SER B 185 11.61 -31.04 1.44
N LEU B 186 11.12 -30.12 2.26
CA LEU B 186 10.79 -28.76 1.83
C LEU B 186 11.70 -27.79 2.55
N THR B 187 12.49 -27.05 1.78
CA THR B 187 13.30 -25.95 2.30
C THR B 187 12.52 -24.64 2.16
N LEU B 188 13.06 -23.56 2.74
CA LEU B 188 12.45 -22.26 2.52
C LEU B 188 12.36 -21.93 1.04
N HIS B 189 13.30 -22.44 0.23
CA HIS B 189 13.23 -22.29 -1.21
C HIS B 189 11.97 -22.93 -1.77
N ASP B 190 11.69 -24.17 -1.36
CA ASP B 190 10.48 -24.83 -1.83
C ASP B 190 9.22 -24.09 -1.39
N LEU B 191 9.29 -23.36 -0.27
CA LEU B 191 8.10 -22.67 0.21
C LEU B 191 7.67 -21.56 -0.73
N HIS B 192 8.60 -20.90 -1.41
CA HIS B 192 8.25 -19.75 -2.24
C HIS B 192 7.34 -20.14 -3.39
N ASP B 193 7.55 -21.32 -3.97
CA ASP B 193 6.62 -21.78 -5.00
C ASP B 193 5.23 -22.00 -4.44
N ILE B 194 5.14 -22.64 -3.26
CA ILE B 194 3.85 -22.85 -2.64
C ILE B 194 3.20 -21.52 -2.28
N PHE B 195 3.99 -20.60 -1.69
CA PHE B 195 3.44 -19.32 -1.27
C PHE B 195 2.95 -18.49 -2.45
N ARG B 196 3.62 -18.60 -3.59
CA ARG B 196 3.18 -17.85 -4.76
C ARG B 196 1.83 -18.38 -5.26
N GLU B 197 1.63 -19.69 -5.18
CA GLU B 197 0.36 -20.28 -5.58
C GLU B 197 -0.71 -20.11 -4.50
N HIS B 198 -0.30 -19.98 -3.24
CA HIS B 198 -1.22 -19.99 -2.10
C HIS B 198 -0.88 -18.84 -1.17
N PRO B 199 -1.21 -17.61 -1.59
CA PRO B 199 -0.84 -16.44 -0.78
C PRO B 199 -1.43 -16.42 0.61
N GLU B 200 -2.58 -17.09 0.82
CA GLU B 200 -3.15 -17.22 2.16
CA GLU B 200 -3.14 -17.20 2.15
C GLU B 200 -2.13 -17.84 3.10
N LEU B 201 -1.48 -18.91 2.66
CA LEU B 201 -0.52 -19.61 3.51
C LEU B 201 0.70 -18.77 3.78
N GLU B 202 1.11 -17.96 2.80
CA GLU B 202 2.24 -17.07 3.03
C GLU B 202 1.92 -16.08 4.13
N LEU B 203 0.72 -15.50 4.10
CA LEU B 203 0.33 -14.60 5.18
C LEU B 203 0.34 -15.29 6.52
N LYS B 204 -0.19 -16.53 6.58
CA LYS B 204 -0.21 -17.26 7.83
C LYS B 204 1.20 -17.46 8.36
N TYR B 205 2.14 -17.77 7.48
CA TYR B 205 3.52 -17.98 7.89
C TYR B 205 4.15 -16.70 8.41
N LEU B 206 4.06 -15.61 7.63
CA LEU B 206 4.72 -14.38 8.04
C LEU B 206 4.09 -13.82 9.31
N ASN B 207 2.78 -13.98 9.47
CA ASN B 207 2.11 -13.43 10.65
C ASN B 207 2.52 -14.16 11.92
N MET B 208 2.94 -15.42 11.82
CA MET B 208 3.29 -16.18 13.03
C MET B 208 4.75 -16.03 13.42
N MET B 209 5.61 -15.55 12.52
CA MET B 209 7.04 -15.40 12.81
C MET B 209 7.29 -14.02 13.44
N LYS B 210 6.76 -13.87 14.65
CA LYS B 210 6.82 -12.59 15.34
C LYS B 210 7.43 -12.67 16.73
N MET B 211 7.91 -13.84 17.15
CA MET B 211 8.45 -14.04 18.49
C MET B 211 9.96 -13.89 18.44
N ALA B 212 10.46 -12.78 18.98
CA ALA B 212 11.90 -12.54 19.00
C ALA B 212 12.59 -13.60 19.87
N ILE B 213 13.80 -13.96 19.47
CA ILE B 213 14.55 -15.03 20.12
C ILE B 213 15.84 -14.48 20.72
#